data_8CB4
#
_entry.id   8CB4
#
_cell.length_a   48.099
_cell.length_b   86.785
_cell.length_c   115.864
_cell.angle_alpha   90.000
_cell.angle_beta   90.000
_cell.angle_gamma   90.000
#
_symmetry.space_group_name_H-M   'P 21 21 21'
#
loop_
_entity.id
_entity.type
_entity.pdbx_description
1 polymer 'Listeriolysin regulatory protein'
2 polymer 'tripeptide LEU-LEU-LEU'
3 non-polymer 'SODIUM ION'
4 water water
#
loop_
_entity_poly.entity_id
_entity_poly.type
_entity_poly.pdbx_seq_one_letter_code
_entity_poly.pdbx_strand_id
1 'polypeptide(L)'
;GAMNAQAEEFKKYLETNGIKPKQFHKKELIFNQWDPQEYCIFLYDGITKLTSISENGTIMNLQYYKGAFVIMSGFIDTET
SVGYYNLEVISEQATAYVIKINELKELLSKNLTHFFYVFQTLQKQVSYSLAKFNDFSINGKLGSICGQLLILTYVYGKET
PDGIKITLDNLTMQELGYSSGIAHSSAVSRIISKLKQEKVIVYKNSCFYVQNLDYLKRYAPKLDEWFYLACPATWGKLN
;
A,B
2 'polypeptide(L)' LLL C,D
#
loop_
_chem_comp.id
_chem_comp.type
_chem_comp.name
_chem_comp.formula
NA non-polymer 'SODIUM ION' 'Na 1'
#
# COMPACT_ATOMS: atom_id res chain seq x y z
N ASN A 4 -11.15 20.35 -2.07
CA ASN A 4 -10.13 20.03 -3.05
C ASN A 4 -10.54 20.51 -4.44
N ALA A 5 -9.58 20.60 -5.36
CA ALA A 5 -9.81 21.09 -6.71
C ALA A 5 -9.81 19.98 -7.75
N GLN A 6 -8.76 19.16 -7.79
CA GLN A 6 -8.71 18.07 -8.76
C GLN A 6 -9.90 17.14 -8.61
N ALA A 7 -10.38 16.93 -7.38
CA ALA A 7 -11.56 16.09 -7.17
C ALA A 7 -12.78 16.72 -7.82
N GLU A 8 -12.93 18.03 -7.71
CA GLU A 8 -14.03 18.70 -8.33
C GLU A 8 -13.99 18.60 -9.82
N GLU A 9 -12.81 18.72 -10.38
CA GLU A 9 -12.67 18.59 -11.83
C GLU A 9 -12.97 17.17 -12.29
N PHE A 10 -12.55 16.17 -11.51
CA PHE A 10 -12.87 14.80 -11.85
C PHE A 10 -14.39 14.56 -11.76
N LYS A 11 -15.03 15.14 -10.75
CA LYS A 11 -16.48 15.07 -10.65
C LYS A 11 -17.13 15.67 -11.90
N LYS A 12 -16.72 16.88 -12.27
CA LYS A 12 -17.28 17.53 -13.45
C LYS A 12 -17.04 16.70 -14.70
N TYR A 13 -15.89 16.02 -14.77
CA TYR A 13 -15.62 15.15 -15.90
C TYR A 13 -16.59 13.97 -15.94
N LEU A 14 -16.85 13.37 -14.78
CA LEU A 14 -17.81 12.27 -14.73
C LEU A 14 -19.22 12.74 -15.08
N GLU A 15 -19.63 13.87 -14.49
CA GLU A 15 -20.94 14.44 -14.79
C GLU A 15 -21.09 14.69 -16.28
N THR A 16 -20.21 15.53 -16.84
CA THR A 16 -20.27 15.86 -18.25
C THR A 16 -20.29 14.62 -19.13
N ASN A 17 -19.65 13.53 -18.70
CA ASN A 17 -19.60 12.30 -19.47
C ASN A 17 -20.76 11.36 -19.14
N GLY A 18 -21.82 11.87 -18.51
CA GLY A 18 -23.02 11.10 -18.27
C GLY A 18 -23.06 10.35 -16.94
N ILE A 19 -21.91 10.10 -16.33
CA ILE A 19 -21.89 9.38 -15.06
C ILE A 19 -22.40 10.30 -13.97
N LYS A 20 -23.36 9.81 -13.19
CA LYS A 20 -24.02 10.56 -12.14
C LYS A 20 -23.84 9.86 -10.80
N PRO A 21 -23.91 10.59 -9.69
CA PRO A 21 -23.59 10.00 -8.39
C PRO A 21 -24.74 9.16 -7.86
N LYS A 22 -24.42 8.42 -6.79
CA LYS A 22 -25.37 7.61 -6.06
C LYS A 22 -25.18 7.86 -4.57
N GLN A 23 -26.29 7.87 -3.84
CA GLN A 23 -26.30 8.12 -2.42
C GLN A 23 -26.41 6.79 -1.68
N PHE A 24 -25.55 6.59 -0.68
CA PHE A 24 -25.50 5.39 0.12
C PHE A 24 -25.65 5.76 1.59
N HIS A 25 -26.11 4.81 2.38
CA HIS A 25 -26.40 5.03 3.78
C HIS A 25 -25.53 4.13 4.66
N LYS A 26 -25.39 4.54 5.91
CA LYS A 26 -24.55 3.82 6.85
C LYS A 26 -24.85 2.33 6.84
N LYS A 27 -23.80 1.53 6.82
CA LYS A 27 -23.79 0.07 6.86
C LYS A 27 -24.02 -0.55 5.48
N GLU A 28 -24.41 0.22 4.47
CA GLU A 28 -24.53 -0.32 3.12
C GLU A 28 -23.15 -0.52 2.50
N LEU A 29 -23.09 -1.41 1.52
CA LEU A 29 -21.86 -1.74 0.81
C LEU A 29 -21.90 -1.17 -0.60
N ILE A 30 -20.92 -0.33 -0.94
CA ILE A 30 -20.84 0.20 -2.30
C ILE A 30 -20.46 -0.91 -3.28
N PHE A 31 -19.43 -1.69 -2.94
CA PHE A 31 -19.17 -2.95 -3.59
C PHE A 31 -18.89 -4.01 -2.52
N ASN A 32 -18.96 -5.27 -2.91
CA ASN A 32 -18.76 -6.38 -1.99
C ASN A 32 -17.81 -7.39 -2.59
N GLN A 33 -17.44 -8.38 -1.76
CA GLN A 33 -16.41 -9.34 -2.11
C GLN A 33 -16.93 -10.52 -2.93
N TRP A 34 -18.24 -10.61 -3.14
CA TRP A 34 -18.83 -11.71 -3.89
C TRP A 34 -19.30 -11.30 -5.28
N ASP A 35 -19.34 -10.02 -5.58
CA ASP A 35 -19.76 -9.56 -6.90
C ASP A 35 -18.64 -9.82 -7.90
N PRO A 36 -18.89 -10.58 -8.97
CA PRO A 36 -17.85 -10.76 -9.98
C PRO A 36 -17.51 -9.48 -10.73
N GLN A 37 -18.44 -8.52 -10.80
CA GLN A 37 -18.21 -7.27 -11.49
C GLN A 37 -17.40 -6.33 -10.60
N GLU A 38 -16.26 -5.88 -11.09
CA GLU A 38 -15.41 -4.94 -10.37
C GLU A 38 -15.68 -3.52 -10.84
N TYR A 39 -15.57 -2.58 -9.90
CA TYR A 39 -15.92 -1.19 -10.16
C TYR A 39 -14.78 -0.27 -9.76
N CYS A 40 -14.88 0.98 -10.20
CA CYS A 40 -14.04 2.08 -9.73
C CYS A 40 -14.94 3.05 -8.98
N ILE A 41 -14.74 3.17 -7.68
CA ILE A 41 -15.55 4.01 -6.83
C ILE A 41 -14.84 5.34 -6.68
N PHE A 42 -15.51 6.41 -7.09
CA PHE A 42 -15.05 7.76 -6.82
C PHE A 42 -15.85 8.28 -5.64
N LEU A 43 -15.37 7.95 -4.43
CA LEU A 43 -16.00 8.41 -3.20
C LEU A 43 -15.88 9.92 -3.13
N TYR A 44 -16.85 10.64 -3.65
CA TYR A 44 -16.90 12.10 -3.55
C TYR A 44 -17.16 12.67 -2.18
N ASP A 45 -18.01 12.04 -1.42
CA ASP A 45 -18.30 12.56 -0.09
C ASP A 45 -18.70 11.42 0.84
N GLY A 46 -18.42 11.59 2.12
CA GLY A 46 -18.70 10.58 3.11
C GLY A 46 -17.43 9.87 3.55
N ILE A 47 -17.63 8.89 4.44
CA ILE A 47 -16.55 8.10 5.01
C ILE A 47 -16.89 6.63 4.86
N THR A 48 -15.87 5.82 4.59
CA THR A 48 -16.06 4.42 4.27
C THR A 48 -14.89 3.63 4.83
N LYS A 49 -15.02 2.31 4.82
CA LYS A 49 -13.93 1.43 5.21
C LYS A 49 -13.92 0.19 4.33
N LEU A 50 -12.71 -0.19 3.94
CA LEU A 50 -12.44 -1.45 3.27
C LEU A 50 -12.27 -2.53 4.33
N THR A 51 -13.13 -3.55 4.26
CA THR A 51 -13.16 -4.64 5.22
C THR A 51 -13.04 -5.98 4.50
N SER A 52 -12.63 -7.00 5.26
CA SER A 52 -12.47 -8.35 4.76
C SER A 52 -13.08 -9.33 5.75
N ILE A 53 -13.58 -10.45 5.22
CA ILE A 53 -14.19 -11.50 6.03
C ILE A 53 -13.33 -12.75 5.86
N SER A 54 -12.56 -13.08 6.91
CA SER A 54 -11.71 -14.25 6.88
C SER A 54 -12.57 -15.52 6.97
N GLU A 55 -11.92 -16.67 6.85
CA GLU A 55 -12.64 -17.94 6.95
C GLU A 55 -13.35 -18.07 8.29
N ASN A 56 -12.84 -17.41 9.33
CA ASN A 56 -13.50 -17.45 10.62
C ASN A 56 -14.92 -16.90 10.54
N GLY A 57 -15.12 -15.83 9.76
CA GLY A 57 -16.42 -15.24 9.56
C GLY A 57 -16.65 -13.92 10.27
N THR A 58 -15.62 -13.35 10.89
CA THR A 58 -15.75 -12.09 11.61
C THR A 58 -15.08 -10.96 10.82
N ILE A 59 -15.66 -9.76 10.93
CA ILE A 59 -15.24 -8.64 10.10
C ILE A 59 -13.80 -8.26 10.42
N MET A 60 -13.13 -7.69 9.42
CA MET A 60 -11.73 -7.26 9.53
C MET A 60 -11.60 -5.89 8.89
N ASN A 61 -11.39 -4.86 9.71
CA ASN A 61 -11.29 -3.50 9.21
C ASN A 61 -9.88 -3.28 8.66
N LEU A 62 -9.78 -3.12 7.35
CA LEU A 62 -8.49 -2.97 6.69
C LEU A 62 -8.12 -1.50 6.54
N GLN A 63 -8.98 -0.72 5.89
CA GLN A 63 -8.63 0.66 5.57
C GLN A 63 -9.84 1.56 5.76
N TYR A 64 -9.58 2.85 5.92
CA TYR A 64 -10.63 3.86 5.93
C TYR A 64 -10.37 4.87 4.83
N TYR A 65 -11.46 5.42 4.29
CA TYR A 65 -11.38 6.37 3.18
C TYR A 65 -12.36 7.51 3.41
N LYS A 66 -11.89 8.72 3.16
CA LYS A 66 -12.71 9.92 3.13
C LYS A 66 -12.83 10.40 1.70
N GLY A 67 -14.00 10.95 1.36
CA GLY A 67 -14.13 11.63 0.09
C GLY A 67 -13.51 13.03 0.18
N ALA A 68 -12.89 13.47 -0.92
CA ALA A 68 -12.83 12.77 -2.19
C ALA A 68 -11.68 11.77 -2.22
N PHE A 69 -11.92 10.59 -2.80
CA PHE A 69 -10.87 9.60 -2.99
C PHE A 69 -11.38 8.56 -3.96
N VAL A 70 -10.48 7.67 -4.39
CA VAL A 70 -10.79 6.64 -5.37
C VAL A 70 -10.42 5.28 -4.80
N ILE A 71 -11.31 4.31 -4.96
CA ILE A 71 -11.13 2.96 -4.46
C ILE A 71 -11.57 2.01 -5.56
N MET A 72 -10.68 1.09 -5.96
N MET A 72 -10.69 1.10 -5.97
CA MET A 72 -10.96 0.16 -7.05
CA MET A 72 -10.99 0.16 -7.04
C MET A 72 -10.89 -1.26 -6.52
C MET A 72 -10.89 -1.26 -6.53
N SER A 73 -11.87 -2.08 -6.91
CA SER A 73 -11.93 -3.46 -6.49
C SER A 73 -11.28 -4.42 -7.49
N GLY A 74 -11.01 -3.96 -8.71
CA GLY A 74 -10.37 -4.79 -9.70
C GLY A 74 -9.26 -4.03 -10.42
N PHE A 75 -8.33 -4.79 -10.98
CA PHE A 75 -7.24 -4.21 -11.74
C PHE A 75 -7.79 -3.57 -13.01
N ILE A 76 -7.08 -2.54 -13.49
CA ILE A 76 -7.57 -1.80 -14.65
C ILE A 76 -7.26 -2.50 -15.96
N ASP A 77 -6.33 -3.45 -15.97
CA ASP A 77 -5.96 -4.16 -17.19
C ASP A 77 -6.79 -5.43 -17.37
N THR A 78 -6.81 -6.31 -16.36
CA THR A 78 -7.56 -7.56 -16.46
C THR A 78 -8.99 -7.46 -15.97
N GLU A 79 -9.32 -6.41 -15.21
CA GLU A 79 -10.66 -6.19 -14.66
C GLU A 79 -11.01 -7.20 -13.58
N THR A 80 -10.06 -8.00 -13.13
CA THR A 80 -10.30 -9.01 -12.11
C THR A 80 -10.05 -8.42 -10.71
N SER A 81 -10.59 -9.10 -9.71
CA SER A 81 -10.51 -8.61 -8.33
C SER A 81 -9.07 -8.39 -7.91
N VAL A 82 -8.85 -7.29 -7.18
CA VAL A 82 -7.57 -7.08 -6.49
C VAL A 82 -7.58 -7.72 -5.11
N GLY A 83 -8.71 -8.24 -4.67
CA GLY A 83 -8.84 -8.79 -3.33
C GLY A 83 -10.30 -8.86 -2.90
N TYR A 84 -10.63 -9.82 -2.04
CA TYR A 84 -12.01 -10.04 -1.62
C TYR A 84 -12.33 -9.09 -0.48
N TYR A 85 -12.69 -7.87 -0.86
CA TYR A 85 -12.93 -6.78 0.07
C TYR A 85 -14.32 -6.21 -0.13
N ASN A 86 -14.82 -5.51 0.89
CA ASN A 86 -16.07 -4.78 0.79
C ASN A 86 -15.84 -3.34 1.22
N LEU A 87 -16.52 -2.41 0.54
CA LEU A 87 -16.50 -1.00 0.89
C LEU A 87 -17.79 -0.69 1.63
N GLU A 88 -17.68 -0.42 2.93
CA GLU A 88 -18.84 -0.19 3.79
C GLU A 88 -18.86 1.26 4.24
N VAL A 89 -20.03 1.90 4.14
CA VAL A 89 -20.17 3.28 4.56
C VAL A 89 -20.29 3.32 6.08
N ILE A 90 -19.48 4.17 6.71
CA ILE A 90 -19.60 4.41 8.15
C ILE A 90 -20.15 5.80 8.44
N SER A 91 -20.14 6.73 7.48
CA SER A 91 -20.86 7.98 7.63
C SER A 91 -22.35 7.74 7.41
N GLU A 92 -23.17 8.64 7.96
CA GLU A 92 -24.62 8.49 7.82
C GLU A 92 -25.02 8.51 6.35
N GLN A 93 -24.37 9.35 5.55
CA GLN A 93 -24.63 9.43 4.12
C GLN A 93 -23.30 9.52 3.38
N ALA A 94 -23.29 8.96 2.17
CA ALA A 94 -22.10 9.00 1.32
C ALA A 94 -22.51 9.14 -0.13
N THR A 95 -21.80 9.99 -0.86
CA THR A 95 -22.02 10.22 -2.27
C THR A 95 -20.85 9.63 -3.04
N ALA A 96 -21.14 8.68 -3.95
CA ALA A 96 -20.10 7.96 -4.66
C ALA A 96 -20.52 7.74 -6.11
N TYR A 97 -19.54 7.76 -7.00
CA TYR A 97 -19.73 7.42 -8.41
C TYR A 97 -19.21 6.01 -8.65
N VAL A 98 -20.08 5.11 -9.06
CA VAL A 98 -19.74 3.72 -9.29
C VAL A 98 -19.59 3.51 -10.79
N ILE A 99 -18.35 3.38 -11.25
CA ILE A 99 -18.04 3.25 -12.67
C ILE A 99 -17.61 1.83 -12.92
N LYS A 100 -18.29 1.14 -13.83
CA LYS A 100 -17.85 -0.18 -14.24
C LYS A 100 -16.40 -0.09 -14.72
N ILE A 101 -15.57 -1.02 -14.25
CA ILE A 101 -14.13 -0.90 -14.44
C ILE A 101 -13.78 -0.82 -15.92
N ASN A 102 -14.46 -1.62 -16.75
CA ASN A 102 -14.14 -1.63 -18.18
C ASN A 102 -14.29 -0.24 -18.78
N GLU A 103 -15.35 0.49 -18.40
CA GLU A 103 -15.55 1.83 -18.92
C GLU A 103 -14.48 2.80 -18.43
N LEU A 104 -13.98 2.61 -17.21
CA LEU A 104 -13.00 3.53 -16.65
C LEU A 104 -11.77 3.63 -17.54
N LYS A 105 -11.37 2.53 -18.17
CA LYS A 105 -10.16 2.55 -18.99
C LYS A 105 -10.30 3.57 -20.12
N GLU A 106 -11.38 3.47 -20.89
CA GLU A 106 -11.62 4.44 -21.96
C GLU A 106 -11.76 5.86 -21.38
N LEU A 107 -12.53 5.99 -20.30
CA LEU A 107 -12.74 7.31 -19.71
C LEU A 107 -11.41 7.99 -19.38
N LEU A 108 -10.50 7.24 -18.74
CA LEU A 108 -9.19 7.80 -18.42
C LEU A 108 -8.38 8.06 -19.67
N SER A 109 -8.47 7.17 -20.66
CA SER A 109 -7.67 7.33 -21.87
C SER A 109 -8.06 8.59 -22.63
N LYS A 110 -9.32 9.03 -22.51
CA LYS A 110 -9.72 10.24 -23.22
C LYS A 110 -9.08 11.49 -22.62
N ASN A 111 -8.87 11.52 -21.30
CA ASN A 111 -8.27 12.67 -20.63
C ASN A 111 -7.22 12.18 -19.65
N LEU A 112 -5.97 12.56 -19.86
CA LEU A 112 -4.88 12.07 -19.03
C LEU A 112 -4.74 12.83 -17.72
N THR A 113 -5.36 14.00 -17.59
CA THR A 113 -5.29 14.73 -16.33
C THR A 113 -5.99 13.96 -15.21
N HIS A 114 -7.19 13.46 -15.49
CA HIS A 114 -7.92 12.67 -14.51
C HIS A 114 -7.29 11.29 -14.33
N PHE A 115 -6.71 10.75 -15.39
CA PHE A 115 -5.87 9.57 -15.24
C PHE A 115 -4.79 9.81 -14.18
N PHE A 116 -4.09 10.95 -14.29
CA PHE A 116 -3.06 11.27 -13.31
C PHE A 116 -3.65 11.44 -11.92
N TYR A 117 -4.86 11.99 -11.82
CA TYR A 117 -5.50 12.13 -10.52
C TYR A 117 -5.70 10.76 -9.87
N VAL A 118 -6.24 9.80 -10.62
CA VAL A 118 -6.45 8.46 -10.07
C VAL A 118 -5.13 7.77 -9.78
N PHE A 119 -4.13 7.98 -10.65
CA PHE A 119 -2.81 7.39 -10.45
C PHE A 119 -2.17 7.90 -9.17
N GLN A 120 -2.26 9.20 -8.93
CA GLN A 120 -1.65 9.76 -7.72
C GLN A 120 -2.44 9.38 -6.47
N THR A 121 -3.75 9.12 -6.60
CA THR A 121 -4.47 8.56 -5.46
C THR A 121 -3.90 7.18 -5.09
N LEU A 122 -3.65 6.35 -6.10
CA LEU A 122 -2.99 5.07 -5.85
C LEU A 122 -1.62 5.28 -5.18
N GLN A 123 -0.84 6.23 -5.69
CA GLN A 123 0.47 6.51 -5.10
C GLN A 123 0.34 6.91 -3.64
N LYS A 124 -0.64 7.76 -3.33
CA LYS A 124 -0.89 8.16 -1.95
C LYS A 124 -1.19 6.94 -1.09
N GLN A 125 -2.02 6.02 -1.60
CA GLN A 125 -2.28 4.79 -0.86
C GLN A 125 -0.98 4.03 -0.59
N VAL A 126 -0.15 3.87 -1.62
CA VAL A 126 1.10 3.13 -1.48
C VAL A 126 1.97 3.75 -0.40
N SER A 127 2.15 5.07 -0.48
CA SER A 127 3.02 5.76 0.47
C SER A 127 2.44 5.70 1.88
N TYR A 128 1.11 5.78 2.00
CA TYR A 128 0.48 5.65 3.31
C TYR A 128 0.76 4.28 3.91
N SER A 129 0.61 3.23 3.11
CA SER A 129 0.86 1.88 3.61
C SER A 129 2.31 1.75 4.09
N LEU A 130 3.25 2.26 3.29
CA LEU A 130 4.66 2.16 3.68
C LEU A 130 4.95 2.95 4.95
N ALA A 131 4.42 4.18 5.04
CA ALA A 131 4.67 4.99 6.23
C ALA A 131 4.03 4.37 7.47
N LYS A 132 2.85 3.77 7.32
CA LYS A 132 2.22 3.10 8.46
C LYS A 132 3.04 1.89 8.90
N PHE A 133 3.54 1.10 7.93
CA PHE A 133 4.39 -0.03 8.29
C PHE A 133 5.65 0.44 9.01
N ASN A 134 6.23 1.55 8.56
CA ASN A 134 7.42 2.08 9.22
C ASN A 134 7.09 2.55 10.63
N ASP A 135 5.99 3.28 10.79
CA ASP A 135 5.58 3.72 12.12
C ASP A 135 5.35 2.53 13.04
N PHE A 136 4.80 1.44 12.51
CA PHE A 136 4.69 0.24 13.33
C PHE A 136 6.07 -0.27 13.72
N SER A 137 6.92 -0.54 12.73
CA SER A 137 8.27 -1.03 13.02
C SER A 137 8.98 -0.17 14.06
N ILE A 138 8.59 1.10 14.18
CA ILE A 138 9.28 1.99 15.12
C ILE A 138 8.60 2.02 16.49
N ASN A 139 7.30 2.12 16.54
CA ASN A 139 6.62 2.34 17.80
C ASN A 139 5.40 1.50 18.04
N GLY A 140 5.24 0.42 17.33
CA GLY A 140 4.25 -0.56 17.69
C GLY A 140 2.87 -0.10 17.37
N LYS A 141 1.87 -0.76 17.94
CA LYS A 141 0.50 -0.39 17.71
C LYS A 141 0.25 0.97 18.24
N LEU A 142 1.05 1.38 19.19
CA LEU A 142 0.88 2.69 19.75
C LEU A 142 1.08 3.72 18.70
N GLY A 143 2.11 3.58 17.93
CA GLY A 143 2.34 4.49 16.83
C GLY A 143 1.33 4.32 15.71
N SER A 144 0.85 3.09 15.51
CA SER A 144 -0.24 2.89 14.55
C SER A 144 -1.43 3.78 14.90
N ILE A 145 -1.95 3.64 16.12
CA ILE A 145 -3.14 4.39 16.49
C ILE A 145 -2.84 5.87 16.65
N CYS A 146 -1.61 6.22 17.03
CA CYS A 146 -1.22 7.62 17.07
C CYS A 146 -1.25 8.23 15.67
N GLY A 147 -0.78 7.49 14.67
CA GLY A 147 -0.86 7.98 13.31
C GLY A 147 -2.28 8.16 12.84
N GLN A 148 -3.16 7.20 13.18
CA GLN A 148 -4.57 7.35 12.82
C GLN A 148 -5.17 8.59 13.47
N LEU A 149 -4.91 8.79 14.76
CA LEU A 149 -5.39 10.00 15.44
C LEU A 149 -4.79 11.25 14.82
N LEU A 150 -3.53 11.19 14.41
CA LEU A 150 -2.87 12.34 13.82
C LEU A 150 -3.52 12.74 12.51
N ILE A 151 -3.79 11.76 11.65
CA ILE A 151 -4.45 12.04 10.39
C ILE A 151 -5.84 12.60 10.63
N LEU A 152 -6.59 12.01 11.58
CA LEU A 152 -7.91 12.52 11.89
C LEU A 152 -7.84 13.95 12.39
N THR A 153 -6.83 14.27 13.20
CA THR A 153 -6.65 15.61 13.71
C THR A 153 -6.40 16.60 12.59
N TYR A 154 -5.48 16.26 11.68
CA TYR A 154 -5.20 17.16 10.56
C TYR A 154 -6.44 17.38 9.71
N VAL A 155 -7.15 16.30 9.36
CA VAL A 155 -8.28 16.40 8.45
C VAL A 155 -9.42 17.16 9.11
N TYR A 156 -9.99 16.61 10.17
CA TYR A 156 -11.20 17.16 10.79
C TYR A 156 -10.89 17.98 12.03
N GLY A 157 -9.71 18.57 12.12
CA GLY A 157 -9.31 19.34 13.28
C GLY A 157 -9.53 20.83 13.11
N LYS A 158 -10.29 21.41 14.03
CA LYS A 158 -10.47 22.86 14.13
C LYS A 158 -9.95 23.30 15.48
N GLU A 159 -9.00 24.23 15.49
CA GLU A 159 -8.31 24.59 16.71
C GLU A 159 -9.13 25.56 17.55
N THR A 160 -9.37 25.20 18.80
CA THR A 160 -10.01 26.03 19.81
C THR A 160 -9.12 25.98 21.04
N PRO A 161 -9.40 26.83 22.04
CA PRO A 161 -8.53 26.84 23.23
C PRO A 161 -8.57 25.53 24.01
N ASP A 162 -9.69 24.80 23.94
CA ASP A 162 -9.75 23.49 24.58
C ASP A 162 -8.93 22.44 23.84
N GLY A 163 -8.25 22.80 22.76
CA GLY A 163 -7.47 21.85 21.98
C GLY A 163 -7.88 21.83 20.52
N ILE A 164 -7.48 20.79 19.79
CA ILE A 164 -7.85 20.66 18.38
C ILE A 164 -9.16 19.89 18.33
N LYS A 165 -10.27 20.62 18.38
CA LYS A 165 -11.58 19.99 18.34
C LYS A 165 -11.74 19.17 17.06
N ILE A 166 -12.48 18.07 17.17
CA ILE A 166 -12.68 17.15 16.07
C ILE A 166 -14.05 17.43 15.45
N THR A 167 -14.06 17.76 14.15
CA THR A 167 -15.31 18.11 13.48
C THR A 167 -16.26 16.92 13.42
N LEU A 168 -15.75 15.70 13.46
CA LEU A 168 -16.58 14.52 13.25
C LEU A 168 -17.66 14.40 14.31
N ASP A 169 -18.84 13.97 13.89
CA ASP A 169 -19.86 13.53 14.85
C ASP A 169 -19.34 12.30 15.59
N ASN A 170 -19.59 12.25 16.89
CA ASN A 170 -19.08 11.15 17.69
C ASN A 170 -19.74 9.82 17.34
N LEU A 171 -20.83 9.84 16.56
CA LEU A 171 -21.37 8.58 16.05
C LEU A 171 -20.39 7.91 15.10
N THR A 172 -19.75 8.69 14.23
CA THR A 172 -18.79 8.13 13.29
C THR A 172 -17.51 7.71 14.01
N MET A 173 -17.08 8.48 15.01
CA MET A 173 -15.91 8.10 15.78
C MET A 173 -16.14 6.84 16.60
N GLN A 174 -17.39 6.49 16.88
CA GLN A 174 -17.68 5.20 17.50
C GLN A 174 -17.24 4.06 16.59
N GLU A 175 -17.37 4.22 15.28
CA GLU A 175 -16.86 3.22 14.34
C GLU A 175 -15.35 3.29 14.19
N LEU A 176 -14.76 4.46 14.34
CA LEU A 176 -13.32 4.62 14.23
C LEU A 176 -12.65 4.32 15.56
N SER A 185 -10.23 -6.31 19.52
CA SER A 185 -10.43 -4.88 19.73
C SER A 185 -10.00 -4.47 21.14
N SER A 186 -9.70 -5.47 21.97
CA SER A 186 -9.32 -5.19 23.36
C SER A 186 -8.14 -4.24 23.42
N ALA A 187 -7.00 -4.66 22.87
CA ALA A 187 -5.78 -3.85 22.98
C ALA A 187 -5.97 -2.46 22.35
N VAL A 188 -6.72 -2.39 21.25
CA VAL A 188 -6.93 -1.12 20.58
C VAL A 188 -7.63 -0.13 21.51
N SER A 189 -8.79 -0.53 22.03
CA SER A 189 -9.52 0.35 22.94
C SER A 189 -8.73 0.62 24.20
N ARG A 190 -7.91 -0.34 24.61
CA ARG A 190 -7.04 -0.14 25.78
C ARG A 190 -6.03 0.98 25.57
N ILE A 191 -5.41 1.03 24.39
CA ILE A 191 -4.43 2.08 24.09
C ILE A 191 -5.14 3.41 23.86
N ILE A 192 -6.32 3.38 23.23
CA ILE A 192 -7.07 4.62 23.01
C ILE A 192 -7.47 5.23 24.34
N SER A 193 -7.98 4.40 25.25
CA SER A 193 -8.37 4.90 26.56
C SER A 193 -7.17 5.38 27.37
N LYS A 194 -6.00 4.78 27.15
CA LYS A 194 -4.81 5.29 27.84
C LYS A 194 -4.41 6.65 27.28
N LEU A 195 -4.49 6.82 25.96
CA LEU A 195 -4.27 8.15 25.38
C LEU A 195 -5.24 9.16 25.97
N LYS A 196 -6.51 8.75 26.14
CA LYS A 196 -7.49 9.65 26.75
C LYS A 196 -7.13 9.97 28.20
N GLN A 197 -6.70 8.98 28.97
CA GLN A 197 -6.41 9.19 30.38
C GLN A 197 -5.17 10.07 30.57
N GLU A 198 -4.19 9.94 29.68
CA GLU A 198 -3.02 10.81 29.69
C GLU A 198 -3.33 12.20 29.17
N LYS A 199 -4.61 12.52 28.93
CA LYS A 199 -5.05 13.83 28.48
C LYS A 199 -4.46 14.22 27.13
N VAL A 200 -4.04 13.23 26.33
CA VAL A 200 -3.65 13.50 24.96
C VAL A 200 -4.88 13.91 24.14
N ILE A 201 -5.97 13.17 24.31
CA ILE A 201 -7.27 13.50 23.72
C ILE A 201 -8.26 13.55 24.88
N VAL A 202 -8.74 14.75 25.20
CA VAL A 202 -9.70 14.92 26.27
C VAL A 202 -11.10 14.96 25.65
N TYR A 203 -12.09 14.77 26.51
CA TYR A 203 -13.50 14.85 26.12
C TYR A 203 -14.13 16.00 26.89
N LYS A 204 -14.70 16.95 26.16
CA LYS A 204 -15.25 18.15 26.79
C LYS A 204 -16.34 18.72 25.90
N ASN A 205 -17.39 19.24 26.52
CA ASN A 205 -18.47 19.93 25.81
C ASN A 205 -19.02 19.07 24.68
N SER A 206 -19.16 17.77 24.95
CA SER A 206 -19.76 16.77 24.06
C SER A 206 -18.89 16.46 22.85
N CYS A 207 -17.65 16.98 22.79
CA CYS A 207 -16.76 16.73 21.66
C CYS A 207 -15.42 16.23 22.19
N PHE A 208 -14.55 15.84 21.25
CA PHE A 208 -13.20 15.40 21.55
C PHE A 208 -12.22 16.50 21.17
N TYR A 209 -11.16 16.65 21.97
CA TYR A 209 -10.18 17.71 21.79
C TYR A 209 -8.78 17.13 21.93
N VAL A 210 -7.97 17.27 20.89
CA VAL A 210 -6.58 16.80 20.93
C VAL A 210 -5.77 17.87 21.62
N GLN A 211 -5.40 17.63 22.88
CA GLN A 211 -4.66 18.60 23.67
C GLN A 211 -3.16 18.33 23.71
N ASN A 212 -2.70 17.23 23.12
CA ASN A 212 -1.27 16.91 23.08
C ASN A 212 -0.95 16.34 21.69
N LEU A 213 -1.09 17.20 20.67
CA LEU A 213 -0.78 16.79 19.29
C LEU A 213 0.67 16.33 19.15
N ASP A 214 1.57 16.88 19.97
CA ASP A 214 2.98 16.52 19.85
C ASP A 214 3.23 15.07 20.23
N TYR A 215 2.45 14.52 21.15
CA TYR A 215 2.58 13.10 21.46
C TYR A 215 2.31 12.24 20.22
N LEU A 216 1.19 12.51 19.56
CA LEU A 216 0.87 11.80 18.32
C LEU A 216 1.98 11.97 17.29
N LYS A 217 2.43 13.21 17.08
CA LYS A 217 3.52 13.43 16.12
C LYS A 217 4.77 12.65 16.52
N ARG A 218 5.03 12.54 17.82
CA ARG A 218 6.24 11.86 18.29
C ARG A 218 6.20 10.38 17.99
N TYR A 219 5.07 9.73 18.26
CA TYR A 219 4.97 8.29 18.08
C TYR A 219 4.41 7.88 16.73
N ALA A 220 4.26 8.82 15.79
CA ALA A 220 3.84 8.51 14.42
C ALA A 220 4.54 9.46 13.48
N PRO A 221 5.88 9.36 13.38
CA PRO A 221 6.64 10.35 12.61
C PRO A 221 6.57 10.13 11.10
N LYS A 222 6.64 8.86 10.67
CA LYS A 222 6.66 8.58 9.25
C LYS A 222 5.33 8.95 8.60
N LEU A 223 4.21 8.70 9.29
N LEU A 223 4.21 8.70 9.29
CA LEU A 223 2.92 9.10 8.73
CA LEU A 223 2.92 9.10 8.75
C LEU A 223 2.72 10.61 8.80
C LEU A 223 2.74 10.61 8.81
N ASP A 224 3.35 11.28 9.78
CA ASP A 224 3.33 12.74 9.80
C ASP A 224 4.05 13.29 8.57
N GLU A 225 5.23 12.73 8.26
CA GLU A 225 5.93 13.09 7.03
C GLU A 225 5.07 12.80 5.81
N TRP A 226 4.41 11.64 5.80
CA TRP A 226 3.55 11.30 4.67
C TRP A 226 2.48 12.35 4.46
N PHE A 227 1.83 12.77 5.55
CA PHE A 227 0.78 13.76 5.43
C PHE A 227 1.33 15.09 4.92
N TYR A 228 2.49 15.49 5.42
CA TYR A 228 3.13 16.70 4.90
C TYR A 228 3.36 16.58 3.40
N LEU A 229 3.95 15.47 2.97
CA LEU A 229 4.35 15.32 1.57
C LEU A 229 3.17 15.07 0.64
N ALA A 230 2.01 14.68 1.17
CA ALA A 230 0.87 14.32 0.36
C ALA A 230 -0.30 15.28 0.49
N CYS A 231 -0.37 16.06 1.58
N CYS A 231 -0.37 16.06 1.58
CA CYS A 231 -1.44 17.02 1.76
CA CYS A 231 -1.44 17.00 1.80
C CYS A 231 -0.94 18.19 2.60
C CYS A 231 -0.93 18.18 2.60
N PRO A 232 0.11 18.88 2.16
CA PRO A 232 0.64 20.00 2.96
C PRO A 232 -0.37 21.11 3.15
N ALA A 233 -1.35 21.25 2.26
CA ALA A 233 -2.38 22.27 2.40
C ALA A 233 -2.98 22.27 3.80
N THR A 234 -3.48 21.12 4.23
CA THR A 234 -4.07 21.03 5.56
C THR A 234 -3.02 20.79 6.64
N TRP A 235 -1.88 20.19 6.27
CA TRP A 235 -0.83 19.95 7.26
C TRP A 235 -0.35 21.27 7.86
N GLY A 236 -0.22 22.31 7.04
CA GLY A 236 0.28 23.58 7.54
C GLY A 236 -0.61 24.22 8.58
N LYS A 237 -1.92 23.96 8.52
CA LYS A 237 -2.86 24.63 9.42
C LYS A 237 -2.53 24.36 10.87
N LEU A 238 -2.12 23.14 11.21
CA LEU A 238 -1.79 22.77 12.58
C LEU A 238 -0.29 22.61 12.78
N ASN A 239 0.52 23.17 11.90
CA ASN A 239 1.97 23.11 12.05
C ASN A 239 2.60 24.47 11.78
N ASN B 4 7.42 -11.97 -18.76
CA ASN B 4 6.15 -11.27 -18.71
C ASN B 4 5.98 -10.37 -19.94
N ALA B 5 4.79 -10.42 -20.54
CA ALA B 5 4.57 -9.71 -21.79
C ALA B 5 4.52 -8.21 -21.59
N GLN B 6 3.66 -7.75 -20.67
CA GLN B 6 3.54 -6.31 -20.44
C GLN B 6 4.89 -5.69 -20.08
N ALA B 7 5.68 -6.38 -19.26
CA ALA B 7 6.97 -5.83 -18.86
C ALA B 7 7.91 -5.68 -20.05
N GLU B 8 7.96 -6.70 -20.91
CA GLU B 8 8.82 -6.65 -22.08
C GLU B 8 8.40 -5.56 -23.07
N GLU B 9 7.10 -5.43 -23.32
CA GLU B 9 6.62 -4.37 -24.19
C GLU B 9 6.92 -3.00 -23.62
N PHE B 10 6.79 -2.85 -22.29
CA PHE B 10 7.16 -1.59 -21.66
C PHE B 10 8.65 -1.31 -21.80
N LYS B 11 9.48 -2.34 -21.62
CA LYS B 11 10.91 -2.18 -21.79
C LYS B 11 11.24 -1.62 -23.16
N LYS B 12 10.72 -2.27 -24.21
CA LYS B 12 11.09 -1.82 -25.55
C LYS B 12 10.44 -0.47 -25.89
N TYR B 13 9.28 -0.16 -25.28
CA TYR B 13 8.74 1.18 -25.43
C TYR B 13 9.72 2.21 -24.88
N LEU B 14 10.22 1.97 -23.67
CA LEU B 14 11.21 2.89 -23.09
C LEU B 14 12.44 2.98 -23.99
N GLU B 15 12.93 1.85 -24.47
CA GLU B 15 14.15 1.85 -25.27
C GLU B 15 13.97 2.62 -26.57
N THR B 16 12.81 2.48 -27.21
CA THR B 16 12.59 3.16 -28.48
C THR B 16 12.44 4.66 -28.30
N ASN B 17 12.09 5.13 -27.10
CA ASN B 17 11.99 6.55 -26.81
C ASN B 17 13.29 7.13 -26.27
N GLY B 18 14.40 6.40 -26.38
CA GLY B 18 15.70 6.92 -26.02
C GLY B 18 16.15 6.61 -24.60
N ILE B 19 15.34 5.88 -23.82
CA ILE B 19 15.69 5.55 -22.45
C ILE B 19 16.34 4.19 -22.44
N LYS B 20 17.60 4.14 -22.02
CA LYS B 20 18.39 2.91 -22.03
C LYS B 20 18.56 2.35 -20.63
N PRO B 21 18.85 1.06 -20.51
CA PRO B 21 19.00 0.45 -19.18
C PRO B 21 20.29 0.87 -18.50
N LYS B 22 20.31 0.69 -17.18
CA LYS B 22 21.46 1.03 -16.37
C LYS B 22 21.73 -0.11 -15.40
N GLN B 23 23.02 -0.40 -15.20
CA GLN B 23 23.46 -1.50 -14.36
C GLN B 23 23.89 -0.97 -13.00
N PHE B 24 23.55 -1.71 -11.94
CA PHE B 24 23.86 -1.30 -10.58
C PHE B 24 24.34 -2.52 -9.80
N HIS B 25 25.51 -2.42 -9.20
CA HIS B 25 26.00 -3.50 -8.36
C HIS B 25 25.35 -3.40 -6.98
N LYS B 26 25.48 -4.48 -6.21
CA LYS B 26 24.87 -4.55 -4.90
C LYS B 26 25.29 -3.37 -4.04
N LYS B 27 24.38 -2.90 -3.19
CA LYS B 27 24.53 -1.83 -2.21
C LYS B 27 24.41 -0.45 -2.86
N GLU B 28 24.28 -0.36 -4.18
CA GLU B 28 24.06 0.93 -4.82
C GLU B 28 22.62 1.37 -4.69
N LEU B 29 22.39 2.68 -4.69
CA LEU B 29 21.06 3.26 -4.61
C LEU B 29 20.64 3.77 -5.98
N ILE B 30 19.59 3.19 -6.54
CA ILE B 30 19.10 3.64 -7.84
C ILE B 30 18.49 5.02 -7.71
N PHE B 31 17.78 5.29 -6.61
CA PHE B 31 17.49 6.64 -6.19
C PHE B 31 17.73 6.70 -4.68
N ASN B 32 17.73 7.93 -4.15
CA ASN B 32 18.06 8.14 -2.75
C ASN B 32 17.19 9.25 -2.19
N GLN B 33 17.04 9.24 -0.86
CA GLN B 33 16.08 10.11 -0.18
C GLN B 33 16.52 11.57 -0.14
N TRP B 34 17.78 11.87 -0.48
CA TRP B 34 18.27 13.24 -0.45
C TRP B 34 18.28 13.89 -1.82
N ASP B 35 18.02 13.15 -2.87
CA ASP B 35 18.01 13.72 -4.21
C ASP B 35 16.74 14.55 -4.39
N PRO B 36 16.84 15.84 -4.71
CA PRO B 36 15.61 16.64 -4.90
C PRO B 36 14.87 16.31 -6.19
N GLN B 37 15.47 15.53 -7.08
CA GLN B 37 14.83 15.11 -8.33
C GLN B 37 14.27 13.71 -8.15
N GLU B 38 13.02 13.52 -8.52
CA GLU B 38 12.35 12.25 -8.40
C GLU B 38 12.32 11.54 -9.74
N TYR B 39 12.20 10.21 -9.69
CA TYR B 39 12.34 9.37 -10.87
C TYR B 39 11.24 8.32 -10.91
N CYS B 40 11.19 7.60 -12.02
CA CYS B 40 10.38 6.38 -12.17
C CYS B 40 11.33 5.24 -12.50
N ILE B 41 11.62 4.39 -11.52
CA ILE B 41 12.49 3.25 -11.73
C ILE B 41 11.66 2.10 -12.31
N PHE B 42 12.02 1.66 -13.50
CA PHE B 42 11.46 0.42 -14.05
C PHE B 42 12.52 -0.66 -13.81
N LEU B 43 12.43 -1.30 -12.65
CA LEU B 43 13.36 -2.36 -12.26
C LEU B 43 13.10 -3.57 -13.14
N TYR B 44 13.85 -3.70 -14.23
CA TYR B 44 13.78 -4.84 -15.14
C TYR B 44 14.34 -6.18 -14.64
N ASP B 45 15.50 -6.14 -14.00
CA ASP B 45 16.16 -7.35 -13.53
C ASP B 45 16.84 -7.08 -12.20
N GLY B 46 16.86 -8.10 -11.35
CA GLY B 46 17.50 -7.99 -10.05
C GLY B 46 16.50 -7.75 -8.95
N ILE B 47 17.04 -7.69 -7.73
CA ILE B 47 16.25 -7.59 -6.51
C ILE B 47 16.67 -6.31 -5.81
N THR B 48 15.68 -5.50 -5.42
CA THR B 48 15.92 -4.22 -4.77
C THR B 48 15.16 -4.15 -3.46
N LYS B 49 15.50 -3.14 -2.68
CA LYS B 49 15.02 -2.98 -1.31
C LYS B 49 14.74 -1.51 -1.07
N LEU B 50 13.53 -1.20 -0.60
CA LEU B 50 13.17 0.17 -0.25
C LEU B 50 13.54 0.42 1.21
N THR B 51 14.32 1.46 1.44
CA THR B 51 14.84 1.76 2.77
C THR B 51 14.51 3.19 3.16
N SER B 52 14.49 3.41 4.48
CA SER B 52 14.32 4.74 5.05
C SER B 52 15.34 4.89 6.17
N ILE B 53 16.26 5.83 6.01
CA ILE B 53 17.33 6.05 6.97
C ILE B 53 16.96 7.28 7.79
N SER B 54 16.68 7.08 9.07
CA SER B 54 16.40 8.18 9.98
C SER B 54 17.71 8.85 10.40
N GLU B 55 17.58 10.02 11.02
CA GLU B 55 18.76 10.77 11.45
C GLU B 55 19.65 9.96 12.38
N ASN B 56 19.11 8.91 13.01
CA ASN B 56 19.89 8.06 13.90
C ASN B 56 20.83 7.11 13.17
N GLY B 57 20.91 7.21 11.84
CA GLY B 57 21.67 6.25 11.08
C GLY B 57 21.05 4.87 11.02
N THR B 58 19.82 4.71 11.51
CA THR B 58 19.14 3.42 11.53
C THR B 58 18.41 3.20 10.21
N ILE B 59 18.55 1.98 9.68
CA ILE B 59 18.01 1.62 8.38
C ILE B 59 16.75 0.79 8.59
N MET B 60 15.67 1.18 7.92
CA MET B 60 14.40 0.48 7.99
C MET B 60 14.11 -0.13 6.63
N ASN B 61 13.97 -1.45 6.58
CA ASN B 61 13.60 -2.15 5.36
C ASN B 61 12.08 -2.13 5.23
N LEU B 62 11.58 -1.41 4.24
CA LEU B 62 10.15 -1.22 4.05
C LEU B 62 9.52 -2.19 3.07
N GLN B 63 10.23 -2.55 2.01
CA GLN B 63 9.67 -3.40 0.97
C GLN B 63 10.82 -4.00 0.17
N TYR B 64 10.54 -5.12 -0.49
CA TYR B 64 11.48 -5.75 -1.40
C TYR B 64 10.81 -5.92 -2.77
N TYR B 65 11.49 -5.48 -3.81
CA TYR B 65 10.98 -5.57 -5.17
C TYR B 65 11.86 -6.48 -6.01
N LYS B 66 11.26 -7.08 -7.04
CA LYS B 66 11.99 -7.89 -8.00
C LYS B 66 11.48 -7.56 -9.39
N GLY B 67 12.39 -7.26 -10.30
CA GLY B 67 12.00 -6.97 -11.66
C GLY B 67 11.28 -8.16 -12.30
N ALA B 68 10.37 -7.87 -13.23
CA ALA B 68 10.02 -6.52 -13.64
C ALA B 68 9.02 -5.88 -12.67
N PHE B 69 9.32 -4.66 -12.23
CA PHE B 69 8.41 -3.89 -11.40
C PHE B 69 8.69 -2.41 -11.61
N VAL B 70 7.82 -1.57 -11.04
CA VAL B 70 7.94 -0.13 -11.17
C VAL B 70 7.90 0.48 -9.77
N ILE B 71 8.85 1.38 -9.49
CA ILE B 71 8.94 2.07 -8.21
C ILE B 71 9.16 3.55 -8.51
N MET B 72 8.23 4.39 -8.07
CA MET B 72 8.32 5.83 -8.30
C MET B 72 8.57 6.54 -6.99
N SER B 73 9.60 7.39 -6.96
CA SER B 73 9.96 8.14 -5.77
C SER B 73 9.21 9.46 -5.65
N GLY B 74 8.45 9.84 -6.67
CA GLY B 74 7.70 11.09 -6.62
C GLY B 74 6.32 10.92 -7.21
N PHE B 75 5.45 11.85 -6.85
CA PHE B 75 4.08 11.83 -7.36
C PHE B 75 4.07 12.27 -8.82
N ILE B 76 3.31 11.54 -9.64
CA ILE B 76 3.35 11.78 -11.08
C ILE B 76 2.86 13.17 -11.43
N ASP B 77 1.97 13.74 -10.59
CA ASP B 77 1.38 15.04 -10.90
C ASP B 77 2.16 16.19 -10.27
N THR B 78 2.46 16.11 -8.97
CA THR B 78 3.21 17.17 -8.31
C THR B 78 4.71 17.03 -8.46
N GLU B 79 5.20 15.85 -8.85
CA GLU B 79 6.62 15.55 -9.00
C GLU B 79 7.39 15.63 -7.69
N THR B 80 6.71 15.77 -6.56
CA THR B 80 7.35 15.84 -5.26
C THR B 80 7.44 14.46 -4.62
N SER B 81 8.27 14.37 -3.59
CA SER B 81 8.58 13.07 -2.98
C SER B 81 7.35 12.41 -2.39
N VAL B 82 7.16 11.13 -2.72
CA VAL B 82 6.13 10.31 -2.04
C VAL B 82 6.63 9.75 -0.73
N GLY B 83 7.83 10.10 -0.32
CA GLY B 83 8.43 9.60 0.90
C GLY B 83 9.94 9.59 0.73
N TYR B 84 10.64 9.79 1.84
CA TYR B 84 12.10 9.87 1.86
C TYR B 84 12.66 8.44 1.90
N TYR B 85 12.72 7.85 0.72
CA TYR B 85 13.10 6.45 0.56
C TYR B 85 14.31 6.34 -0.36
N ASN B 86 15.04 5.23 -0.21
CA ASN B 86 16.10 4.85 -1.12
C ASN B 86 15.78 3.47 -1.70
N LEU B 87 16.28 3.23 -2.90
CA LEU B 87 16.12 1.93 -3.56
C LEU B 87 17.52 1.33 -3.69
N GLU B 88 17.84 0.39 -2.80
CA GLU B 88 19.15 -0.25 -2.75
C GLU B 88 19.10 -1.59 -3.46
N VAL B 89 20.05 -1.83 -4.36
CA VAL B 89 20.16 -3.14 -4.98
C VAL B 89 20.67 -4.14 -3.96
N ILE B 90 19.94 -5.24 -3.80
CA ILE B 90 20.33 -6.30 -2.89
C ILE B 90 20.88 -7.53 -3.59
N SER B 91 20.44 -7.82 -4.82
CA SER B 91 21.11 -8.83 -5.63
C SER B 91 22.53 -8.36 -5.94
N GLU B 92 23.35 -9.28 -6.41
CA GLU B 92 24.73 -8.92 -6.71
C GLU B 92 24.80 -7.90 -7.84
N GLN B 93 23.84 -7.93 -8.77
CA GLN B 93 23.75 -6.93 -9.82
C GLN B 93 22.30 -6.82 -10.29
N ALA B 94 21.93 -5.63 -10.76
CA ALA B 94 20.56 -5.35 -11.16
C ALA B 94 20.57 -4.41 -12.36
N THR B 95 19.47 -4.47 -13.14
CA THR B 95 19.28 -3.66 -14.33
C THR B 95 17.98 -2.91 -14.20
N ALA B 96 18.04 -1.58 -14.32
CA ALA B 96 16.88 -0.72 -14.11
C ALA B 96 16.91 0.43 -15.11
N TYR B 97 15.71 0.88 -15.49
CA TYR B 97 15.54 2.05 -16.33
C TYR B 97 15.13 3.22 -15.45
N VAL B 98 15.91 4.30 -15.48
CA VAL B 98 15.69 5.47 -14.63
C VAL B 98 15.15 6.59 -15.51
N ILE B 99 13.95 7.06 -15.16
CA ILE B 99 13.21 8.02 -15.98
C ILE B 99 12.83 9.20 -15.10
N LYS B 100 13.31 10.40 -15.45
CA LYS B 100 12.92 11.58 -14.71
C LYS B 100 11.40 11.72 -14.72
N ILE B 101 10.84 12.05 -13.55
CA ILE B 101 9.39 12.01 -13.37
C ILE B 101 8.66 12.82 -14.43
N ASN B 102 9.28 13.90 -14.92
CA ASN B 102 8.61 14.74 -15.91
C ASN B 102 8.53 14.05 -17.27
N GLU B 103 9.63 13.42 -17.70
CA GLU B 103 9.61 12.72 -18.98
C GLU B 103 8.62 11.57 -18.97
N LEU B 104 8.37 10.97 -17.81
CA LEU B 104 7.44 9.85 -17.72
C LEU B 104 6.04 10.26 -18.17
N LYS B 105 5.62 11.48 -17.82
CA LYS B 105 4.30 11.94 -18.24
C LYS B 105 4.21 12.00 -19.76
N GLU B 106 5.20 12.63 -20.40
CA GLU B 106 5.24 12.67 -21.86
C GLU B 106 5.17 11.27 -22.45
N LEU B 107 5.93 10.32 -21.90
CA LEU B 107 6.02 9.01 -22.50
C LEU B 107 4.74 8.20 -22.30
N LEU B 108 4.17 8.22 -21.09
CA LEU B 108 2.97 7.46 -20.80
C LEU B 108 1.70 8.13 -21.32
N SER B 109 1.74 9.41 -21.68
CA SER B 109 0.56 10.06 -22.22
C SER B 109 0.29 9.65 -23.66
N LYS B 110 1.34 9.41 -24.44
CA LYS B 110 1.16 9.02 -25.83
C LYS B 110 0.70 7.57 -25.94
N ASN B 111 1.42 6.65 -25.30
CA ASN B 111 1.05 5.25 -25.24
C ASN B 111 0.44 4.96 -23.88
N LEU B 112 -0.88 4.75 -23.86
CA LEU B 112 -1.59 4.50 -22.61
C LEU B 112 -1.62 3.02 -22.23
N THR B 113 -1.30 2.13 -23.17
CA THR B 113 -1.30 0.70 -22.88
C THR B 113 -0.34 0.37 -21.74
N HIS B 114 0.82 1.02 -21.71
CA HIS B 114 1.79 0.82 -20.64
C HIS B 114 1.54 1.72 -19.44
N PHE B 115 0.89 2.86 -19.67
CA PHE B 115 0.28 3.60 -18.57
C PHE B 115 -0.51 2.65 -17.68
N PHE B 116 -1.32 1.78 -18.31
CA PHE B 116 -2.08 0.79 -17.56
C PHE B 116 -1.16 -0.19 -16.84
N TYR B 117 -0.01 -0.52 -17.42
CA TYR B 117 0.91 -1.42 -16.74
C TYR B 117 1.42 -0.82 -15.44
N VAL B 118 1.82 0.46 -15.49
CA VAL B 118 2.26 1.13 -14.26
C VAL B 118 1.11 1.19 -13.26
N PHE B 119 -0.09 1.53 -13.75
CA PHE B 119 -1.28 1.56 -12.91
C PHE B 119 -1.47 0.24 -12.17
N GLN B 120 -1.39 -0.88 -12.90
CA GLN B 120 -1.64 -2.18 -12.31
C GLN B 120 -0.55 -2.57 -11.33
N THR B 121 0.71 -2.16 -11.58
CA THR B 121 1.75 -2.40 -10.58
C THR B 121 1.42 -1.68 -9.27
N LEU B 122 0.99 -0.42 -9.37
CA LEU B 122 0.60 0.28 -8.15
C LEU B 122 -0.56 -0.41 -7.44
N GLN B 123 -1.57 -0.84 -8.20
CA GLN B 123 -2.70 -1.53 -7.58
C GLN B 123 -2.25 -2.78 -6.85
N LYS B 124 -1.34 -3.54 -7.47
CA LYS B 124 -0.82 -4.74 -6.82
C LYS B 124 -0.07 -4.38 -5.55
N GLN B 125 0.65 -3.26 -5.54
CA GLN B 125 1.27 -2.81 -4.30
C GLN B 125 0.23 -2.58 -3.22
N VAL B 126 -0.85 -1.87 -3.56
CA VAL B 126 -1.89 -1.57 -2.59
C VAL B 126 -2.45 -2.87 -2.00
N SER B 127 -2.90 -3.77 -2.88
CA SER B 127 -3.51 -5.01 -2.40
C SER B 127 -2.51 -5.86 -1.64
N TYR B 128 -1.26 -5.84 -2.03
CA TYR B 128 -0.23 -6.54 -1.31
C TYR B 128 0.00 -6.06 0.07
N SER B 129 0.04 -4.76 0.26
CA SER B 129 0.20 -4.21 1.59
C SER B 129 -1.02 -4.51 2.46
N LEU B 130 -2.23 -4.39 1.90
CA LEU B 130 -3.42 -4.68 2.69
C LEU B 130 -3.47 -6.16 3.08
N ALA B 131 -3.08 -7.05 2.19
CA ALA B 131 -3.07 -8.48 2.52
C ALA B 131 -2.03 -8.79 3.59
N LYS B 132 -0.85 -8.16 3.50
CA LYS B 132 0.15 -8.34 4.54
C LYS B 132 -0.38 -7.84 5.88
N PHE B 133 -1.05 -6.69 5.88
CA PHE B 133 -1.61 -6.18 7.13
C PHE B 133 -2.64 -7.13 7.71
N ASN B 134 -3.49 -7.73 6.87
CA ASN B 134 -4.48 -8.69 7.37
C ASN B 134 -3.81 -9.93 7.95
N ASP B 135 -2.92 -10.55 7.16
CA ASP B 135 -2.21 -11.73 7.64
C ASP B 135 -1.49 -11.46 8.94
N PHE B 136 -0.83 -10.30 9.06
CA PHE B 136 -0.21 -9.93 10.32
C PHE B 136 -1.26 -9.83 11.42
N SER B 137 -2.27 -9.00 11.20
CA SER B 137 -3.24 -8.71 12.24
C SER B 137 -3.94 -9.96 12.77
N ILE B 138 -3.86 -11.09 12.06
CA ILE B 138 -4.41 -12.34 12.61
C ILE B 138 -3.32 -13.29 13.11
N ASN B 139 -2.26 -13.46 12.38
CA ASN B 139 -1.25 -14.40 12.78
C ASN B 139 0.10 -13.82 13.10
N GLY B 140 0.20 -12.50 13.13
CA GLY B 140 1.39 -11.89 13.66
C GLY B 140 2.52 -12.31 12.78
N LYS B 141 3.71 -12.23 13.32
CA LYS B 141 4.94 -12.32 12.55
C LYS B 141 5.15 -13.71 12.03
N LEU B 142 4.48 -14.66 12.65
CA LEU B 142 4.55 -16.01 12.18
C LEU B 142 3.98 -16.01 10.80
N GLY B 143 2.85 -15.35 10.65
CA GLY B 143 2.22 -15.25 9.35
C GLY B 143 2.94 -14.30 8.42
N SER B 144 3.52 -13.22 8.96
CA SER B 144 4.32 -12.34 8.11
C SER B 144 5.44 -13.12 7.42
N ILE B 145 6.26 -13.81 8.21
CA ILE B 145 7.39 -14.55 7.64
C ILE B 145 6.89 -15.69 6.78
N CYS B 146 5.79 -16.33 7.18
CA CYS B 146 5.22 -17.39 6.36
C CYS B 146 4.84 -16.86 4.98
N GLY B 147 4.24 -15.68 4.92
CA GLY B 147 3.85 -15.11 3.64
C GLY B 147 5.05 -14.76 2.78
N GLN B 148 6.09 -14.18 3.40
CA GLN B 148 7.30 -13.90 2.64
C GLN B 148 7.88 -15.19 2.06
N LEU B 149 8.05 -16.21 2.90
CA LEU B 149 8.58 -17.49 2.44
C LEU B 149 7.68 -18.11 1.38
N LEU B 150 6.37 -17.93 1.50
CA LEU B 150 5.44 -18.50 0.54
C LEU B 150 5.62 -17.86 -0.83
N ILE B 151 5.67 -16.52 -0.88
CA ILE B 151 5.83 -15.86 -2.18
C ILE B 151 7.19 -16.19 -2.78
N LEU B 152 8.24 -16.28 -1.94
CA LEU B 152 9.54 -16.68 -2.46
C LEU B 152 9.53 -18.10 -2.99
N THR B 153 8.75 -18.99 -2.35
CA THR B 153 8.61 -20.34 -2.87
C THR B 153 7.90 -20.34 -4.21
N TYR B 154 6.83 -19.55 -4.32
CA TYR B 154 6.11 -19.47 -5.59
C TYR B 154 7.03 -19.02 -6.72
N VAL B 155 7.79 -17.95 -6.48
CA VAL B 155 8.60 -17.37 -7.56
C VAL B 155 9.81 -18.23 -7.85
N TYR B 156 10.64 -18.52 -6.84
CA TYR B 156 11.94 -19.16 -7.04
C TYR B 156 11.96 -20.62 -6.61
N GLY B 157 10.82 -21.20 -6.22
CA GLY B 157 10.80 -22.55 -5.74
C GLY B 157 10.68 -23.56 -6.87
N LYS B 158 11.53 -24.58 -6.83
CA LYS B 158 11.38 -25.74 -7.70
C LYS B 158 11.73 -27.00 -6.92
N GLU B 159 11.08 -28.10 -7.27
CA GLU B 159 11.14 -29.28 -6.41
C GLU B 159 12.45 -30.05 -6.56
N THR B 160 12.84 -30.69 -5.45
CA THR B 160 14.00 -31.56 -5.36
C THR B 160 13.62 -32.74 -4.46
N PRO B 161 14.43 -33.80 -4.41
CA PRO B 161 14.11 -34.91 -3.50
C PRO B 161 13.98 -34.46 -2.06
N ASP B 162 14.59 -33.32 -1.73
CA ASP B 162 14.55 -32.79 -0.37
C ASP B 162 13.32 -31.94 -0.09
N GLY B 163 12.60 -31.49 -1.11
CA GLY B 163 11.42 -30.67 -0.89
C GLY B 163 11.18 -29.70 -2.02
N ILE B 164 10.97 -28.43 -1.71
CA ILE B 164 10.85 -27.38 -2.71
C ILE B 164 12.02 -26.42 -2.48
N LYS B 165 13.08 -26.62 -3.25
CA LYS B 165 14.29 -25.80 -3.13
C LYS B 165 14.02 -24.38 -3.57
N ILE B 166 14.41 -23.42 -2.73
CA ILE B 166 14.40 -22.00 -3.05
C ILE B 166 15.67 -21.73 -3.87
N THR B 167 15.52 -21.67 -5.20
CA THR B 167 16.67 -21.56 -6.08
C THR B 167 17.46 -20.28 -5.89
N LEU B 168 16.91 -19.30 -5.18
CA LEU B 168 17.60 -18.02 -5.05
C LEU B 168 18.92 -18.20 -4.32
N ASP B 169 19.96 -17.56 -4.84
CA ASP B 169 21.30 -17.71 -4.30
C ASP B 169 21.32 -17.42 -2.80
N ASN B 170 22.23 -18.09 -2.10
CA ASN B 170 22.29 -17.95 -0.64
C ASN B 170 22.63 -16.52 -0.23
N LEU B 171 23.48 -15.82 -1.01
CA LEU B 171 23.85 -14.46 -0.64
C LEU B 171 22.62 -13.56 -0.59
N THR B 172 21.84 -13.53 -1.67
CA THR B 172 20.59 -12.77 -1.68
C THR B 172 19.73 -13.13 -0.48
N MET B 173 19.39 -14.42 -0.35
CA MET B 173 18.50 -14.86 0.72
C MET B 173 19.02 -14.43 2.09
N GLN B 174 20.33 -14.31 2.25
CA GLN B 174 20.88 -13.71 3.46
C GLN B 174 20.55 -12.22 3.53
N GLU B 175 20.67 -11.53 2.39
CA GLU B 175 20.30 -10.11 2.37
C GLU B 175 18.84 -9.88 2.76
N LEU B 176 17.99 -10.91 2.65
CA LEU B 176 16.59 -10.82 3.03
C LEU B 176 16.33 -11.27 4.47
N GLY B 177 17.33 -11.19 5.34
CA GLY B 177 17.17 -11.55 6.73
C GLY B 177 17.33 -13.02 7.05
N TYR B 178 17.52 -13.87 6.04
CA TYR B 178 17.66 -15.30 6.26
C TYR B 178 19.11 -15.75 6.06
N SER B 186 16.10 -11.45 16.96
CA SER B 186 15.86 -12.41 18.04
C SER B 186 14.55 -13.16 17.82
N ALA B 187 13.44 -12.42 17.74
CA ALA B 187 12.14 -13.05 17.56
C ALA B 187 12.00 -13.66 16.17
N VAL B 188 12.56 -13.00 15.15
CA VAL B 188 12.47 -13.51 13.78
C VAL B 188 13.16 -14.86 13.67
N SER B 189 14.40 -14.94 14.13
CA SER B 189 15.12 -16.20 14.05
C SER B 189 14.52 -17.26 14.99
N ARG B 190 13.88 -16.83 16.07
CA ARG B 190 13.17 -17.78 16.93
C ARG B 190 11.99 -18.41 16.18
N ILE B 191 11.20 -17.58 15.49
CA ILE B 191 10.11 -18.09 14.67
C ILE B 191 10.66 -19.01 13.59
N ILE B 192 11.80 -18.66 13.01
CA ILE B 192 12.38 -19.48 11.95
C ILE B 192 12.88 -20.81 12.51
N SER B 193 13.40 -20.81 13.72
CA SER B 193 13.84 -22.06 14.33
C SER B 193 12.66 -22.94 14.68
N LYS B 194 11.53 -22.35 15.08
CA LYS B 194 10.32 -23.15 15.24
C LYS B 194 9.88 -23.73 13.88
N LEU B 195 9.94 -22.92 12.83
CA LEU B 195 9.65 -23.43 11.49
C LEU B 195 10.52 -24.64 11.18
N LYS B 196 11.80 -24.58 11.54
CA LYS B 196 12.69 -25.70 11.30
C LYS B 196 12.38 -26.87 12.24
N GLN B 197 11.79 -26.59 13.39
CA GLN B 197 11.45 -27.66 14.34
C GLN B 197 10.36 -28.55 13.77
N GLU B 198 9.23 -27.97 13.40
CA GLU B 198 8.13 -28.72 12.78
C GLU B 198 8.45 -29.14 11.35
N LYS B 199 9.68 -28.90 10.88
CA LYS B 199 10.13 -29.37 9.58
C LYS B 199 9.28 -28.80 8.44
N VAL B 200 8.81 -27.56 8.60
CA VAL B 200 8.15 -26.89 7.50
C VAL B 200 9.19 -26.48 6.46
N ILE B 201 10.33 -25.94 6.90
CA ILE B 201 11.45 -25.64 6.03
C ILE B 201 12.70 -26.30 6.59
N VAL B 202 13.67 -26.51 5.70
CA VAL B 202 14.92 -27.19 6.02
C VAL B 202 16.04 -26.49 5.27
N TYR B 203 17.09 -26.11 6.00
CA TYR B 203 18.27 -25.50 5.39
C TYR B 203 19.35 -26.58 5.27
N LYS B 204 19.67 -26.95 4.03
CA LYS B 204 20.63 -28.03 3.81
C LYS B 204 21.43 -27.75 2.55
N ASN B 205 22.69 -28.17 2.58
CA ASN B 205 23.58 -28.12 1.42
C ASN B 205 23.49 -26.75 0.72
N SER B 206 23.65 -25.70 1.52
CA SER B 206 23.77 -24.33 1.04
C SER B 206 22.47 -23.80 0.41
N CYS B 207 21.33 -24.42 0.70
CA CYS B 207 20.09 -23.97 0.09
C CYS B 207 18.90 -24.23 1.01
N PHE B 208 17.88 -23.40 0.84
CA PHE B 208 16.61 -23.51 1.56
C PHE B 208 15.67 -24.46 0.83
N TYR B 209 14.88 -25.19 1.62
CA TYR B 209 13.90 -26.13 1.09
C TYR B 209 12.60 -25.99 1.86
N VAL B 210 11.49 -25.89 1.14
CA VAL B 210 10.17 -25.90 1.76
C VAL B 210 9.56 -27.27 1.55
N GLN B 211 9.19 -27.90 2.67
CA GLN B 211 8.63 -29.25 2.67
C GLN B 211 7.15 -29.39 3.08
N ASN B 212 6.59 -28.35 3.68
CA ASN B 212 5.19 -28.33 4.08
C ASN B 212 4.60 -27.00 3.58
N LEU B 213 4.24 -26.98 2.29
CA LEU B 213 3.68 -25.77 1.69
C LEU B 213 2.38 -25.38 2.37
N ASP B 214 1.55 -26.36 2.73
CA ASP B 214 0.24 -26.07 3.29
C ASP B 214 0.34 -25.30 4.60
N TYR B 215 1.47 -25.39 5.32
CA TYR B 215 1.62 -24.63 6.56
C TYR B 215 1.74 -23.14 6.27
N LEU B 216 2.67 -22.78 5.39
CA LEU B 216 2.82 -21.39 4.99
C LEU B 216 1.52 -20.86 4.40
N LYS B 217 0.81 -21.70 3.63
CA LYS B 217 -0.49 -21.27 3.10
C LYS B 217 -1.51 -21.08 4.21
N ARG B 218 -1.43 -21.90 5.26
CA ARG B 218 -2.38 -21.82 6.35
C ARG B 218 -2.22 -20.53 7.13
N TYR B 219 -0.98 -20.12 7.40
CA TYR B 219 -0.76 -18.92 8.21
C TYR B 219 -0.59 -17.66 7.38
N ALA B 220 -0.72 -17.73 6.05
CA ALA B 220 -0.67 -16.55 5.19
C ALA B 220 -1.82 -16.58 4.18
N PRO B 221 -3.05 -16.76 4.66
CA PRO B 221 -4.16 -16.95 3.71
C PRO B 221 -4.41 -15.76 2.81
N LYS B 222 -4.31 -14.54 3.35
CA LYS B 222 -4.66 -13.36 2.57
C LYS B 222 -3.58 -13.03 1.54
N LEU B 223 -2.30 -13.22 1.90
CA LEU B 223 -1.25 -13.00 0.90
C LEU B 223 -1.27 -14.11 -0.15
N ASP B 224 -1.65 -15.33 0.23
CA ASP B 224 -1.87 -16.36 -0.77
C ASP B 224 -2.99 -15.97 -1.72
N GLU B 225 -4.11 -15.47 -1.19
CA GLU B 225 -5.17 -14.95 -2.04
C GLU B 225 -4.67 -13.83 -2.94
N TRP B 226 -3.80 -12.97 -2.41
CA TRP B 226 -3.26 -11.88 -3.20
C TRP B 226 -2.44 -12.40 -4.37
N PHE B 227 -1.54 -13.34 -4.10
CA PHE B 227 -0.72 -13.90 -5.17
C PHE B 227 -1.58 -14.68 -6.16
N TYR B 228 -2.70 -15.22 -5.70
CA TYR B 228 -3.62 -15.92 -6.59
C TYR B 228 -4.32 -14.95 -7.54
N LEU B 229 -4.79 -13.82 -7.01
CA LEU B 229 -5.49 -12.84 -7.83
C LEU B 229 -4.54 -12.00 -8.68
N ALA B 230 -3.29 -11.87 -8.26
CA ALA B 230 -2.32 -10.99 -8.93
C ALA B 230 -1.35 -11.74 -9.81
N CYS B 231 -1.01 -12.98 -9.47
CA CYS B 231 -0.05 -13.77 -10.24
C CYS B 231 -0.58 -15.19 -10.39
N PRO B 232 -1.79 -15.34 -10.95
CA PRO B 232 -2.40 -16.69 -10.99
C PRO B 232 -1.59 -17.70 -11.77
N ALA B 233 -1.00 -17.31 -12.90
CA ALA B 233 -0.21 -18.24 -13.68
C ALA B 233 0.93 -18.83 -12.85
N THR B 234 1.65 -17.97 -12.12
CA THR B 234 2.74 -18.45 -11.28
C THR B 234 2.23 -19.05 -9.98
N TRP B 235 1.11 -18.55 -9.47
CA TRP B 235 0.51 -19.13 -8.27
C TRP B 235 0.18 -20.60 -8.48
N GLY B 236 -0.40 -20.94 -9.64
CA GLY B 236 -0.75 -22.31 -9.95
C GLY B 236 0.42 -23.24 -10.16
N LYS B 237 1.65 -22.73 -10.14
CA LYS B 237 2.82 -23.59 -10.29
C LYS B 237 2.89 -24.64 -9.19
N LEU B 238 2.44 -24.29 -7.98
CA LEU B 238 2.52 -25.18 -6.82
C LEU B 238 1.19 -25.22 -6.09
N ASN B 239 0.09 -25.21 -6.83
CA ASN B 239 -1.25 -25.26 -6.24
C ASN B 239 -2.17 -26.17 -7.05
N LEU C 1 -8.88 12.10 1.48
N LEU C 1 -8.93 12.07 1.42
CA LEU C 1 -7.78 11.10 1.49
CA LEU C 1 -7.77 11.12 1.52
C LEU C 1 -8.14 9.91 2.38
C LEU C 1 -8.14 9.91 2.38
N LEU C 2 -7.19 8.99 2.54
CA LEU C 2 -7.39 7.80 3.35
C LEU C 2 -6.90 8.03 4.77
N LEU C 3 -7.55 7.36 5.72
CA LEU C 3 -7.19 7.50 7.12
C LEU C 3 -7.36 6.17 7.87
N LEU D 1 7.85 -8.38 -9.21
CA LEU D 1 6.81 -8.06 -8.25
C LEU D 1 7.41 -7.96 -6.83
N LEU D 2 6.55 -7.78 -5.83
CA LEU D 2 6.94 -7.53 -4.45
C LEU D 2 7.34 -8.77 -3.67
N LEU D 3 8.26 -8.61 -2.72
CA LEU D 3 8.69 -9.69 -1.83
C LEU D 3 8.68 -9.21 -0.38
NA NA E . -16.18 -6.81 -5.82
NA NA F . 14.57 10.91 -3.99
#